data_5MKG
#
_entry.id   5MKG
#
_cell.length_a   112.230
_cell.length_b   59.400
_cell.length_c   92.780
_cell.angle_alpha   90.000
_cell.angle_beta   115.030
_cell.angle_gamma   90.000
#
_symmetry.space_group_name_H-M   'C 1 2 1'
#
loop_
_entity.id
_entity.type
_entity.pdbx_description
1 polymer 'Diguanylate phosphodiesterase'
2 polymer 'Diguanylate phosphodiesterase'
3 non-polymer 'CALCIUM ION'
4 non-polymer "9,9'-[(2R,3R,3aS,5S,7aR,9R,10R,10aS,12S,14aR)-3,5,10,12-tetrahydroxy-5,12-dioxidooctahydro-2H,7H-difuro[3,2-d:3',2'-j][1,3,7,9,2,8]tetraoxadiphosphacyclododecine-2,9-diyl]bis(2-amino-1,9-dihydro-6H-purin-6-one)"
5 water water
#
loop_
_entity_poly.entity_id
_entity_poly.type
_entity_poly.pdbx_seq_one_letter_code
_entity_poly.pdbx_strand_id
1 'polypeptide(L)'
;ASPSSELRRALEANEFIPYYQPLSPGQGGRWIGVEVLMRWRHPREGLIRPDLFIPFAERSGLIVPMTRALMRQVAEDLGG
HAGKLEPGFHIGFNISATHCHELALVDDCRELLAAFPPGHITLVLELTERELIESSEVTDRLFDELHALGVKIAIDDFGT
GHSSLAYLRKFQVDCLKIDQSFVARIGIDTLSGHILDSIVELSAKLDLDIVAEGVETPEQRDYLAARGVDYLQGYLIGRP
MPLESLLSSLTVQEGQ
;
A
2 'polypeptide(L)'
;SPSSELRRALEANEFIPYYQPLSPGQGGRWIGVEVLMRWRHPREGLIRPDLFIPFAERSGLIVPMTRALMRQVAEDLGGH
AGKLEPGFHIGFNISATHCHELALVDDCRELLAAFPPGHITLVLELTERELIESSEVTDRLFDELHALGVKIAIDDFGTG
HSSLAYLRKFQVDCLKIDQSFVARIGIDTLSGHILDSIVELSAKLDLDIVAEGVETPEQRDYLAARGVDYLQGYLIGRPM
PLESLLSSLTVQEG
;
B
#
loop_
_chem_comp.id
_chem_comp.type
_chem_comp.name
_chem_comp.formula
C2E non-polymer 9,9'-[(2R,3R,3aS,5S,7aR,9R,10R,10aS,12S,14aR)-3,5,10,12-tetrahydroxy-5,12-dioxidooctahydro-2H,7H-difuro[3,2-d:3',2'-j][1,3,7,9,2,8]tetraoxadiphosphacyclododecine-2,9-diyl]bis(2-amino-1,9-dihydro-6H-purin-6-one) 'C20 H24 N10 O14 P2'
CA non-polymer 'CALCIUM ION' 'Ca 2'
#
# COMPACT_ATOMS: atom_id res chain seq x y z
N ALA A 1 -19.34 -10.76 -24.75
CA ALA A 1 -19.22 -9.57 -23.85
C ALA A 1 -18.45 -8.42 -24.53
N SER A 2 -18.87 -7.17 -24.25
CA SER A 2 -18.27 -5.96 -24.86
C SER A 2 -17.97 -4.92 -23.76
N PRO A 3 -16.75 -4.33 -23.73
CA PRO A 3 -16.39 -3.30 -22.75
C PRO A 3 -17.37 -2.12 -22.67
N SER A 4 -17.78 -1.62 -23.83
CA SER A 4 -18.63 -0.42 -23.91
C SER A 4 -20.00 -0.70 -23.30
N SER A 5 -20.62 -1.82 -23.69
CA SER A 5 -21.92 -2.21 -23.13
C SER A 5 -21.86 -2.38 -21.60
N GLU A 6 -20.81 -3.02 -21.12
CA GLU A 6 -20.60 -3.27 -19.69
C GLU A 6 -20.50 -1.99 -18.87
N LEU A 7 -19.73 -1.01 -19.35
CA LEU A 7 -19.58 0.28 -18.65
C LEU A 7 -20.89 1.07 -18.68
N ARG A 8 -21.43 1.20 -19.89
CA ARG A 8 -22.71 1.90 -20.13
C ARG A 8 -23.85 1.37 -19.24
N ARG A 9 -23.90 0.06 -19.09
CA ARG A 9 -24.84 -0.62 -18.17
C ARG A 9 -24.54 -0.30 -16.71
N ALA A 10 -23.27 -0.41 -16.32
CA ALA A 10 -22.81 -0.23 -14.95
C ALA A 10 -23.11 1.17 -14.42
N LEU A 11 -23.03 2.17 -15.30
CA LEU A 11 -23.38 3.54 -14.99
C LEU A 11 -24.87 3.73 -14.70
N GLU A 12 -25.72 3.07 -15.49
CA GLU A 12 -27.18 3.11 -15.26
C GLU A 12 -27.58 2.34 -13.99
N ALA A 13 -26.90 1.23 -13.74
CA ALA A 13 -27.11 0.42 -12.52
C ALA A 13 -26.29 0.92 -11.29
N ASN A 14 -25.77 2.16 -11.37
CA ASN A 14 -25.05 2.78 -10.24
C ASN A 14 -23.97 1.86 -9.62
N GLU A 15 -23.15 1.23 -10.47
CA GLU A 15 -22.08 0.34 -10.00
C GLU A 15 -20.76 1.07 -9.72
N PHE A 16 -20.69 2.35 -10.13
CA PHE A 16 -19.52 3.18 -9.86
C PHE A 16 -19.77 4.00 -8.59
N ILE A 17 -19.01 3.68 -7.53
CA ILE A 17 -19.20 4.27 -6.21
C ILE A 17 -17.98 5.09 -5.80
N PRO A 18 -18.17 6.10 -4.93
CA PRO A 18 -17.02 6.81 -4.38
C PRO A 18 -16.38 6.08 -3.21
N TYR A 19 -15.06 5.87 -3.30
CA TYR A 19 -14.24 5.68 -2.11
C TYR A 19 -13.58 7.01 -1.81
N TYR A 20 -13.24 7.20 -0.53
CA TYR A 20 -12.79 8.49 -0.01
C TYR A 20 -11.45 8.31 0.68
N GLN A 21 -10.41 8.98 0.18
CA GLN A 21 -9.11 8.98 0.87
C GLN A 21 -8.90 10.30 1.61
N PRO A 22 -8.71 10.26 2.94
CA PRO A 22 -8.55 11.51 3.69
C PRO A 22 -7.21 12.22 3.47
N LEU A 23 -7.23 13.54 3.60
CA LEU A 23 -6.02 14.36 3.66
C LEU A 23 -5.87 14.92 5.07
N SER A 24 -4.62 15.05 5.49
CA SER A 24 -4.25 15.51 6.81
C SER A 24 -3.36 16.73 6.64
N PRO A 25 -3.36 17.67 7.60
CA PRO A 25 -2.33 18.70 7.59
C PRO A 25 -0.93 18.12 7.75
N GLY A 26 0.06 18.78 7.16
CA GLY A 26 1.46 18.38 7.24
C GLY A 26 2.02 18.19 8.63
N GLN A 27 1.57 19.05 9.55
CA GLN A 27 1.94 18.96 10.97
C GLN A 27 0.94 18.07 11.77
N GLY A 28 0.13 17.26 11.09
CA GLY A 28 -0.83 16.37 11.73
C GLY A 28 -2.13 17.04 12.13
N GLY A 29 -3.07 16.23 12.63
CA GLY A 29 -4.34 16.74 13.17
C GLY A 29 -5.55 16.10 12.55
N ARG A 30 -6.70 16.74 12.73
CA ARG A 30 -7.97 16.28 12.15
C ARG A 30 -7.92 16.30 10.62
N TRP A 31 -8.70 15.43 10.00
CA TRP A 31 -8.82 15.37 8.55
C TRP A 31 -9.47 16.66 8.06
N ILE A 32 -8.87 17.26 7.03
CA ILE A 32 -9.34 18.53 6.47
C ILE A 32 -9.95 18.36 5.09
N GLY A 33 -10.06 17.12 4.62
CA GLY A 33 -10.61 16.88 3.30
C GLY A 33 -10.50 15.43 2.85
N VAL A 34 -11.03 15.15 1.66
CA VAL A 34 -10.89 13.83 1.04
C VAL A 34 -10.65 13.95 -0.46
N GLU A 35 -9.91 12.98 -1.00
CA GLU A 35 -9.91 12.73 -2.44
C GLU A 35 -10.93 11.64 -2.72
N VAL A 36 -11.79 11.90 -3.70
CA VAL A 36 -12.79 10.94 -4.13
C VAL A 36 -12.17 10.07 -5.21
N LEU A 37 -12.12 8.77 -4.95
CA LEU A 37 -11.60 7.78 -5.88
C LEU A 37 -12.70 6.85 -6.35
N MET A 38 -12.77 6.63 -7.66
CA MET A 38 -13.83 5.82 -8.25
C MET A 38 -13.54 4.33 -8.04
N ARG A 39 -14.58 3.58 -7.73
CA ARG A 39 -14.50 2.13 -7.60
C ARG A 39 -15.67 1.52 -8.36
N TRP A 40 -15.40 0.43 -9.07
CA TRP A 40 -16.44 -0.31 -9.79
C TRP A 40 -16.86 -1.50 -8.92
N ARG A 41 -18.05 -1.40 -8.32
CA ARG A 41 -18.65 -2.53 -7.61
C ARG A 41 -19.24 -3.50 -8.64
N HIS A 42 -18.40 -4.41 -9.13
CA HIS A 42 -18.80 -5.38 -10.17
C HIS A 42 -19.45 -6.60 -9.53
N PRO A 43 -20.73 -6.89 -9.86
CA PRO A 43 -21.46 -8.00 -9.21
C PRO A 43 -20.81 -9.37 -9.39
N ARG A 44 -20.21 -9.61 -10.55
CA ARG A 44 -19.45 -10.84 -10.83
C ARG A 44 -18.03 -10.78 -10.27
N GLU A 45 -17.27 -9.78 -10.69
CA GLU A 45 -15.80 -9.75 -10.52
C GLU A 45 -15.30 -9.09 -9.21
N GLY A 46 -16.21 -8.52 -8.41
CA GLY A 46 -15.86 -7.87 -7.14
C GLY A 46 -15.54 -6.39 -7.30
N LEU A 47 -14.85 -5.84 -6.31
CA LEU A 47 -14.47 -4.41 -6.32
C LEU A 47 -13.25 -4.22 -7.23
N ILE A 48 -13.44 -3.48 -8.33
CA ILE A 48 -12.41 -3.33 -9.37
C ILE A 48 -11.79 -1.93 -9.30
N ARG A 49 -10.47 -1.87 -9.42
CA ARG A 49 -9.72 -0.62 -9.31
C ARG A 49 -9.78 0.21 -10.61
N PRO A 50 -9.69 1.54 -10.50
CA PRO A 50 -9.70 2.50 -11.63
C PRO A 50 -8.81 2.20 -12.84
N ASP A 51 -7.61 1.68 -12.61
CA ASP A 51 -6.63 1.46 -13.70
C ASP A 51 -7.07 0.39 -14.71
N LEU A 52 -7.95 -0.52 -14.31
CA LEU A 52 -8.53 -1.52 -15.23
C LEU A 52 -9.76 -1.04 -16.02
N PHE A 53 -10.28 0.17 -15.75
CA PHE A 53 -11.45 0.70 -16.49
C PHE A 53 -11.48 2.19 -16.87
N ILE A 54 -10.74 3.05 -16.16
CA ILE A 54 -10.70 4.50 -16.49
C ILE A 54 -10.14 4.82 -17.89
N PRO A 55 -9.06 4.14 -18.31
CA PRO A 55 -8.55 4.39 -19.67
C PRO A 55 -9.59 4.23 -20.79
N PHE A 56 -10.38 3.16 -20.74
CA PHE A 56 -11.45 2.97 -21.74
C PHE A 56 -12.59 3.99 -21.59
N ALA A 57 -12.94 4.34 -20.36
CA ALA A 57 -13.93 5.40 -20.11
C ALA A 57 -13.49 6.73 -20.73
N GLU A 58 -12.18 6.98 -20.72
CA GLU A 58 -11.63 8.18 -21.35
C GLU A 58 -11.64 8.11 -22.89
N ARG A 59 -11.24 6.97 -23.47
CA ARG A 59 -11.28 6.79 -24.93
C ARG A 59 -12.70 6.85 -25.49
N SER A 60 -13.61 6.11 -24.86
CA SER A 60 -15.03 6.08 -25.26
C SER A 60 -15.78 7.39 -24.98
N GLY A 61 -15.23 8.25 -24.12
CA GLY A 61 -15.85 9.52 -23.74
C GLY A 61 -16.83 9.39 -22.58
N LEU A 62 -16.97 8.18 -22.04
CA LEU A 62 -18.00 7.88 -21.03
C LEU A 62 -17.62 8.33 -19.61
N ILE A 63 -16.35 8.69 -19.39
CA ILE A 63 -15.89 9.23 -18.10
C ILE A 63 -16.64 10.51 -17.66
N VAL A 64 -17.05 11.33 -18.65
CA VAL A 64 -17.74 12.59 -18.37
C VAL A 64 -19.09 12.36 -17.64
N PRO A 65 -19.93 11.44 -18.15
CA PRO A 65 -21.11 11.06 -17.34
C PRO A 65 -20.78 10.33 -16.03
N MET A 66 -19.80 9.43 -16.05
CA MET A 66 -19.37 8.68 -14.84
C MET A 66 -18.95 9.62 -13.71
N THR A 67 -18.20 10.66 -14.08
CA THR A 67 -17.76 11.67 -13.13
C THR A 67 -18.95 12.50 -12.61
N ARG A 68 -19.90 12.81 -13.49
CA ARG A 68 -21.14 13.50 -13.10
C ARG A 68 -21.95 12.65 -12.11
N ALA A 69 -22.10 11.37 -12.41
CA ALA A 69 -22.77 10.43 -11.51
C ALA A 69 -22.07 10.35 -10.14
N LEU A 70 -20.75 10.38 -10.16
CA LEU A 70 -19.94 10.31 -8.94
C LEU A 70 -20.09 11.57 -8.08
N MET A 71 -19.98 12.74 -8.71
CA MET A 71 -20.17 14.02 -8.01
C MET A 71 -21.56 14.14 -7.37
N ARG A 72 -22.59 13.72 -8.09
CA ARG A 72 -23.96 13.66 -7.54
C ARG A 72 -24.02 12.75 -6.31
N GLN A 73 -23.41 11.56 -6.43
CA GLN A 73 -23.36 10.59 -5.33
C GLN A 73 -22.65 11.15 -4.07
N VAL A 74 -21.56 11.88 -4.27
CA VAL A 74 -20.82 12.48 -3.15
C VAL A 74 -21.68 13.52 -2.41
N ALA A 75 -22.42 14.34 -3.16
CA ALA A 75 -23.39 15.29 -2.59
C ALA A 75 -24.48 14.59 -1.76
N GLU A 76 -25.02 13.50 -2.29
CA GLU A 76 -25.95 12.65 -1.54
C GLU A 76 -25.27 12.11 -0.27
N ASP A 77 -24.08 11.54 -0.45
CA ASP A 77 -23.30 10.91 0.63
C ASP A 77 -22.92 11.85 1.78
N LEU A 78 -22.50 13.07 1.45
CA LEU A 78 -21.94 14.01 2.45
C LEU A 78 -22.71 15.32 2.68
N GLY A 79 -23.65 15.66 1.79
CA GLY A 79 -24.42 16.90 1.91
C GLY A 79 -25.26 16.98 3.17
N GLY A 80 -25.88 15.86 3.53
CA GLY A 80 -26.64 15.74 4.77
C GLY A 80 -25.80 15.79 6.05
N HIS A 81 -24.54 15.37 5.95
CA HIS A 81 -23.64 15.29 7.11
C HIS A 81 -22.61 16.43 7.16
N ALA A 82 -22.97 17.61 6.66
CA ALA A 82 -22.07 18.77 6.65
C ALA A 82 -21.57 19.17 8.05
N GLY A 83 -22.38 18.93 9.07
CA GLY A 83 -22.00 19.15 10.48
C GLY A 83 -20.74 18.42 10.92
N LYS A 84 -20.48 17.25 10.35
CA LYS A 84 -19.27 16.45 10.64
C LYS A 84 -18.00 16.97 9.94
N LEU A 85 -18.14 17.92 9.01
CA LEU A 85 -17.04 18.41 8.20
C LEU A 85 -16.47 19.73 8.73
N GLU A 86 -15.17 19.74 9.02
CA GLU A 86 -14.43 20.94 9.45
C GLU A 86 -14.62 22.08 8.42
N PRO A 87 -14.77 23.34 8.87
CA PRO A 87 -15.02 24.44 7.92
C PRO A 87 -13.96 24.56 6.82
N GLY A 88 -14.43 24.69 5.57
CA GLY A 88 -13.56 24.66 4.39
C GLY A 88 -13.08 23.28 3.98
N PHE A 89 -13.81 22.23 4.35
CA PHE A 89 -13.43 20.82 4.08
C PHE A 89 -13.18 20.59 2.59
N HIS A 90 -12.01 20.07 2.23
CA HIS A 90 -11.65 19.87 0.82
C HIS A 90 -12.25 18.59 0.27
N ILE A 91 -12.93 18.67 -0.86
CA ILE A 91 -13.45 17.48 -1.56
C ILE A 91 -12.89 17.51 -2.98
N GLY A 92 -11.98 16.58 -3.27
CA GLY A 92 -11.28 16.53 -4.55
C GLY A 92 -11.82 15.47 -5.48
N PHE A 93 -11.88 15.80 -6.77
CA PHE A 93 -12.33 14.87 -7.82
C PHE A 93 -11.29 14.81 -8.92
N ASN A 94 -11.03 13.60 -9.41
CA ASN A 94 -10.15 13.40 -10.54
C ASN A 94 -10.95 13.65 -11.83
N ILE A 95 -10.41 14.50 -12.69
CA ILE A 95 -11.09 14.99 -13.90
C ILE A 95 -10.22 14.69 -15.13
N SER A 96 -10.87 14.44 -16.26
CA SER A 96 -10.17 14.14 -17.53
C SER A 96 -9.92 15.39 -18.38
N ALA A 97 -9.18 15.21 -19.47
CA ALA A 97 -8.98 16.26 -20.48
C ALA A 97 -10.27 16.54 -21.27
N THR A 98 -11.04 15.47 -21.56
CA THR A 98 -12.36 15.60 -22.19
C THR A 98 -13.35 16.45 -21.37
N HIS A 99 -13.20 16.46 -20.05
CA HIS A 99 -13.96 17.36 -19.18
C HIS A 99 -13.67 18.85 -19.40
N CYS A 100 -12.41 19.16 -19.73
CA CYS A 100 -12.00 20.56 -19.92
C CYS A 100 -12.57 21.24 -21.18
N HIS A 101 -13.10 20.50 -22.15
CA HIS A 101 -13.84 21.11 -23.25
C HIS A 101 -15.17 21.70 -22.78
N GLU A 102 -15.42 22.96 -23.14
CA GLU A 102 -16.76 23.59 -23.07
C GLU A 102 -17.16 23.86 -21.62
N LEU A 103 -18.46 23.85 -21.28
CA LEU A 103 -18.97 24.51 -20.07
C LEU A 103 -19.82 23.68 -19.08
N ALA A 104 -20.08 22.40 -19.37
CA ALA A 104 -20.95 21.61 -18.50
C ALA A 104 -20.37 21.46 -17.09
N LEU A 105 -19.07 21.18 -17.02
CA LEU A 105 -18.34 21.04 -15.74
C LEU A 105 -18.73 22.06 -14.66
N VAL A 106 -18.95 23.31 -15.10
CA VAL A 106 -19.37 24.41 -14.24
C VAL A 106 -20.74 24.15 -13.60
N ASP A 107 -21.68 23.61 -14.38
CA ASP A 107 -23.01 23.24 -13.87
C ASP A 107 -22.92 22.20 -12.75
N ASP A 108 -22.11 21.17 -13.01
CA ASP A 108 -21.89 20.05 -12.08
C ASP A 108 -21.26 20.51 -10.77
N CYS A 109 -20.30 21.42 -10.87
CA CYS A 109 -19.66 22.02 -9.68
C CYS A 109 -20.64 22.86 -8.87
N ARG A 110 -21.41 23.73 -9.54
CA ARG A 110 -22.47 24.51 -8.89
C ARG A 110 -23.52 23.62 -8.22
N GLU A 111 -23.84 22.51 -8.87
CA GLU A 111 -24.80 21.53 -8.36
C GLU A 111 -24.30 20.89 -7.05
N LEU A 112 -23.04 20.47 -7.05
CA LEU A 112 -22.41 19.87 -5.87
C LEU A 112 -22.30 20.89 -4.73
N LEU A 113 -21.77 22.06 -5.04
CA LEU A 113 -21.67 23.14 -4.06
C LEU A 113 -23.02 23.49 -3.43
N ALA A 114 -24.09 23.46 -4.23
CA ALA A 114 -25.46 23.71 -3.78
C ALA A 114 -26.01 22.69 -2.77
N ALA A 115 -25.47 21.47 -2.79
CA ALA A 115 -25.82 20.44 -1.78
C ALA A 115 -25.28 20.70 -0.37
N PHE A 116 -24.33 21.64 -0.24
CA PHE A 116 -23.74 21.99 1.06
C PHE A 116 -24.00 23.47 1.37
N PRO A 117 -23.84 23.86 2.66
CA PRO A 117 -23.95 25.28 3.01
C PRO A 117 -22.85 26.14 2.34
N PRO A 118 -23.22 27.35 1.84
CA PRO A 118 -22.26 28.19 1.10
C PRO A 118 -20.95 28.48 1.83
N GLY A 119 -19.83 28.08 1.24
CA GLY A 119 -18.50 28.27 1.81
C GLY A 119 -18.02 27.20 2.78
N HIS A 120 -18.86 26.21 3.08
CA HIS A 120 -18.55 25.22 4.12
C HIS A 120 -17.55 24.15 3.64
N ILE A 121 -17.63 23.81 2.34
CA ILE A 121 -16.64 22.95 1.69
C ILE A 121 -15.90 23.67 0.56
N THR A 122 -14.70 23.19 0.27
CA THR A 122 -13.91 23.62 -0.87
C THR A 122 -13.92 22.46 -1.88
N LEU A 123 -14.39 22.75 -3.09
CA LEU A 123 -14.40 21.78 -4.18
C LEU A 123 -13.11 21.92 -4.98
N VAL A 124 -12.43 20.79 -5.20
CA VAL A 124 -11.12 20.77 -5.88
C VAL A 124 -11.19 19.81 -7.06
N LEU A 125 -10.56 20.20 -8.17
CA LEU A 125 -10.50 19.36 -9.37
C LEU A 125 -9.04 19.12 -9.69
N GLU A 126 -8.68 17.85 -9.88
CA GLU A 126 -7.29 17.44 -10.08
C GLU A 126 -7.11 17.06 -11.55
N LEU A 127 -6.14 17.68 -12.21
CA LEU A 127 -5.75 17.39 -13.60
C LEU A 127 -4.28 17.06 -13.60
N THR A 128 -3.85 16.11 -14.43
CA THR A 128 -2.40 15.85 -14.57
C THR A 128 -1.81 16.90 -15.49
N GLU A 129 -0.48 17.04 -15.53
CA GLU A 129 0.16 17.97 -16.48
C GLU A 129 -0.16 17.57 -17.91
N ARG A 130 -0.02 16.27 -18.21
CA ARG A 130 -0.26 15.71 -19.54
C ARG A 130 -1.68 15.96 -20.08
N GLU A 131 -2.67 16.05 -19.20
CA GLU A 131 -4.05 16.34 -19.58
C GLU A 131 -4.30 17.81 -19.94
N LEU A 132 -3.38 18.72 -19.61
CA LEU A 132 -3.50 20.13 -19.99
C LEU A 132 -2.95 20.52 -21.37
N ILE A 133 -2.08 19.68 -21.94
CA ILE A 133 -1.48 19.96 -23.26
C ILE A 133 -2.48 19.89 -24.40
N GLU A 134 -3.64 19.31 -24.16
CA GLU A 134 -4.78 19.48 -25.05
C GLU A 134 -5.40 20.86 -24.77
N SER A 135 -5.03 21.84 -25.59
CA SER A 135 -5.48 23.23 -25.37
C SER A 135 -4.84 23.83 -24.14
N SER A 136 -4.04 24.87 -24.31
CA SER A 136 -3.29 25.46 -23.20
C SER A 136 -3.57 26.94 -22.97
N GLU A 137 -4.58 27.48 -23.64
CA GLU A 137 -4.90 28.90 -23.53
C GLU A 137 -5.89 29.27 -24.63
N VAL A 138 -7.18 29.11 -24.35
CA VAL A 138 -8.19 29.27 -25.38
C VAL A 138 -9.60 29.41 -24.80
N THR A 139 -10.34 28.30 -24.80
CA THR A 139 -11.67 28.25 -24.23
C THR A 139 -11.58 28.15 -22.71
N ASP A 140 -10.55 28.77 -22.15
CA ASP A 140 -10.32 28.75 -20.70
C ASP A 140 -10.94 29.94 -19.95
N ARG A 141 -12.11 30.36 -20.41
CA ARG A 141 -13.10 31.05 -19.57
C ARG A 141 -13.68 30.05 -18.52
N LEU A 142 -13.63 28.76 -18.85
CA LEU A 142 -13.95 27.66 -17.94
C LEU A 142 -13.27 27.76 -16.57
N PHE A 143 -11.95 27.97 -16.56
CA PHE A 143 -11.21 28.07 -15.30
C PHE A 143 -11.59 29.37 -14.53
N ASP A 144 -11.74 30.46 -15.28
CA ASP A 144 -12.28 31.73 -14.75
C ASP A 144 -13.63 31.54 -14.09
N GLU A 145 -14.55 30.90 -14.79
CA GLU A 145 -15.91 30.66 -14.28
C GLU A 145 -15.92 29.72 -13.09
N LEU A 146 -15.12 28.65 -13.16
CA LEU A 146 -14.97 27.71 -12.03
C LEU A 146 -14.43 28.39 -10.79
N HIS A 147 -13.37 29.19 -10.96
CA HIS A 147 -12.83 30.00 -9.87
C HIS A 147 -13.83 30.99 -9.27
N ALA A 148 -14.68 31.58 -10.11
CA ALA A 148 -15.75 32.48 -9.64
C ALA A 148 -16.75 31.82 -8.70
N LEU A 149 -16.93 30.50 -8.84
CA LEU A 149 -17.72 29.70 -7.89
C LEU A 149 -16.96 29.27 -6.62
N GLY A 150 -15.66 29.61 -6.55
CA GLY A 150 -14.79 29.17 -5.46
C GLY A 150 -14.28 27.73 -5.61
N VAL A 151 -14.30 27.21 -6.84
CA VAL A 151 -13.72 25.89 -7.13
C VAL A 151 -12.23 26.09 -7.34
N LYS A 152 -11.42 25.18 -6.80
CA LYS A 152 -9.96 25.19 -6.95
C LYS A 152 -9.51 24.12 -7.93
N ILE A 153 -8.31 24.31 -8.49
CA ILE A 153 -7.73 23.41 -9.48
C ILE A 153 -6.38 22.93 -8.96
N ALA A 154 -6.15 21.62 -9.01
CA ALA A 154 -4.89 21.02 -8.55
C ALA A 154 -4.22 20.26 -9.69
N ILE A 155 -2.90 20.41 -9.81
CA ILE A 155 -2.13 19.61 -10.75
C ILE A 155 -1.78 18.29 -10.07
N ASP A 156 -2.35 17.21 -10.60
CA ASP A 156 -2.18 15.86 -10.08
C ASP A 156 -0.85 15.30 -10.56
N ASP A 157 -0.30 14.36 -9.78
CA ASP A 157 0.96 13.67 -10.11
C ASP A 157 2.06 14.61 -10.59
N PHE A 158 2.19 15.77 -9.93
CA PHE A 158 3.15 16.78 -10.38
C PHE A 158 4.59 16.26 -10.30
N GLY A 159 5.38 16.63 -11.31
CA GLY A 159 6.77 16.22 -11.42
C GLY A 159 7.06 15.01 -12.29
N THR A 160 6.05 14.16 -12.52
CA THR A 160 6.21 13.01 -13.42
C THR A 160 6.13 13.45 -14.88
N ARG A 169 0.64 24.27 -19.14
CA ARG A 169 1.90 24.72 -18.55
C ARG A 169 1.78 26.06 -17.79
N LYS A 170 1.13 27.04 -18.43
CA LYS A 170 0.95 28.37 -17.85
C LYS A 170 -0.51 28.55 -17.46
N PHE A 171 -0.82 28.19 -16.22
CA PHE A 171 -2.12 28.38 -15.61
C PHE A 171 -1.88 29.07 -14.24
N GLN A 172 -2.85 29.54 -13.44
CA GLN A 172 -4.35 29.36 -13.42
C GLN A 172 -4.81 28.15 -12.55
N VAL A 173 -3.91 27.73 -11.66
CA VAL A 173 -4.14 26.64 -10.71
C VAL A 173 -3.81 27.09 -9.29
N ASP A 174 -4.34 26.37 -8.30
CA ASP A 174 -4.20 26.73 -6.88
C ASP A 174 -3.38 25.77 -6.05
N CYS A 175 -3.09 24.57 -6.57
CA CYS A 175 -2.47 23.52 -5.77
C CYS A 175 -1.63 22.55 -6.61
N LEU A 176 -0.53 22.08 -6.07
CA LEU A 176 0.24 21.00 -6.70
C LEU A 176 0.17 19.75 -5.83
N LYS A 177 -0.01 18.58 -6.44
CA LYS A 177 0.04 17.31 -5.74
C LYS A 177 1.31 16.56 -6.12
N ILE A 178 2.22 16.39 -5.15
CA ILE A 178 3.47 15.67 -5.37
C ILE A 178 3.17 14.18 -5.58
N ASP A 179 3.53 13.65 -6.75
CA ASP A 179 3.29 12.23 -7.06
C ASP A 179 3.98 11.30 -6.05
N GLN A 180 3.34 10.16 -5.78
CA GLN A 180 3.89 9.08 -4.93
C GLN A 180 5.35 8.68 -5.18
N SER A 181 5.74 8.73 -6.45
CA SER A 181 7.10 8.35 -6.88
C SER A 181 8.21 9.16 -6.19
N PHE A 182 7.99 10.46 -6.00
CA PHE A 182 8.94 11.29 -5.24
C PHE A 182 8.96 10.96 -3.76
N VAL A 183 7.77 10.80 -3.17
CA VAL A 183 7.64 10.54 -1.74
C VAL A 183 8.22 9.16 -1.38
N ALA A 184 8.04 8.19 -2.29
CA ALA A 184 8.57 6.85 -2.10
C ALA A 184 10.09 6.82 -1.89
N ARG A 185 10.81 7.71 -2.56
CA ARG A 185 12.28 7.77 -2.51
C ARG A 185 12.87 8.71 -1.45
N ILE A 186 12.04 9.27 -0.57
CA ILE A 186 12.53 10.13 0.52
C ILE A 186 13.53 9.37 1.39
N GLY A 187 14.67 9.99 1.63
CA GLY A 187 15.68 9.47 2.56
C GLY A 187 16.70 8.52 1.95
N ILE A 188 16.46 8.05 0.73
CA ILE A 188 17.32 7.04 0.09
C ILE A 188 17.74 7.47 -1.32
N ASP A 189 17.72 8.77 -1.58
CA ASP A 189 18.10 9.33 -2.87
C ASP A 189 18.18 10.84 -2.74
N THR A 190 19.41 11.36 -2.64
CA THR A 190 19.65 12.81 -2.49
C THR A 190 19.17 13.61 -3.71
N LEU A 191 19.36 13.05 -4.92
CA LEU A 191 18.94 13.70 -6.16
C LEU A 191 17.44 13.96 -6.20
N SER A 192 16.66 12.90 -5.98
CA SER A 192 15.20 13.01 -5.96
C SER A 192 14.75 13.90 -4.81
N GLY A 193 15.48 13.86 -3.70
CA GLY A 193 15.27 14.74 -2.58
C GLY A 193 15.42 16.20 -2.93
N HIS A 194 16.47 16.52 -3.71
CA HIS A 194 16.70 17.89 -4.16
C HIS A 194 15.61 18.35 -5.14
N ILE A 195 15.20 17.46 -6.04
CA ILE A 195 14.14 17.77 -7.00
C ILE A 195 12.81 18.03 -6.27
N LEU A 196 12.53 17.18 -5.28
CA LEU A 196 11.33 17.34 -4.43
C LEU A 196 11.36 18.66 -3.65
N ASP A 197 12.51 18.99 -3.09
CA ASP A 197 12.69 20.30 -2.42
C ASP A 197 12.46 21.47 -3.41
N SER A 198 12.86 21.31 -4.66
CA SER A 198 12.60 22.32 -5.71
C SER A 198 11.12 22.52 -5.99
N ILE A 199 10.38 21.41 -6.13
CA ILE A 199 8.92 21.44 -6.35
C ILE A 199 8.22 22.17 -5.18
N VAL A 200 8.67 21.92 -3.96
CA VAL A 200 8.10 22.52 -2.76
C VAL A 200 8.38 24.02 -2.74
N GLU A 201 9.60 24.42 -3.05
CA GLU A 201 9.98 25.83 -3.11
C GLU A 201 9.28 26.58 -4.25
N LEU A 202 9.08 25.91 -5.39
CA LEU A 202 8.30 26.47 -6.50
C LEU A 202 6.86 26.78 -6.05
N SER A 203 6.22 25.81 -5.39
CA SER A 203 4.84 25.98 -4.93
C SER A 203 4.70 27.22 -4.03
N ALA A 204 5.67 27.43 -3.15
CA ALA A 204 5.71 28.59 -2.26
C ALA A 204 5.93 29.92 -2.99
N LYS A 205 6.80 29.93 -4.00
CA LYS A 205 7.00 31.13 -4.84
C LYS A 205 5.72 31.52 -5.56
N LEU A 206 5.03 30.52 -6.13
CA LEU A 206 3.79 30.74 -6.88
C LEU A 206 2.53 30.86 -6.01
N ASP A 207 2.69 30.74 -4.69
CA ASP A 207 1.58 30.88 -3.74
C ASP A 207 0.50 29.80 -3.93
N LEU A 208 0.94 28.58 -4.19
CA LEU A 208 0.08 27.41 -4.38
C LEU A 208 0.20 26.48 -3.18
N ASP A 209 -0.93 25.94 -2.73
CA ASP A 209 -0.91 24.86 -1.73
C ASP A 209 -0.22 23.64 -2.33
N ILE A 210 0.36 22.80 -1.48
CA ILE A 210 0.98 21.56 -1.95
C ILE A 210 0.54 20.36 -1.09
N VAL A 211 0.11 19.30 -1.76
CA VAL A 211 -0.20 18.02 -1.13
C VAL A 211 0.89 17.01 -1.50
N ALA A 212 1.38 16.24 -0.53
CA ALA A 212 2.20 15.06 -0.82
C ALA A 212 1.33 13.81 -0.82
N GLU A 213 1.41 13.02 -1.89
CA GLU A 213 0.67 11.76 -2.02
C GLU A 213 1.58 10.57 -1.74
N GLY A 214 0.99 9.49 -1.25
CA GLY A 214 1.71 8.25 -0.99
C GLY A 214 2.59 8.27 0.25
N VAL A 215 2.18 9.04 1.25
CA VAL A 215 2.90 9.09 2.52
C VAL A 215 2.57 7.80 3.27
N GLU A 216 3.57 6.94 3.41
CA GLU A 216 3.42 5.62 4.04
C GLU A 216 4.15 5.49 5.39
N THR A 217 5.31 6.11 5.53
CA THR A 217 6.15 5.96 6.71
C THR A 217 6.23 7.27 7.50
N PRO A 218 6.51 7.19 8.81
CA PRO A 218 6.77 8.42 9.57
C PRO A 218 8.02 9.19 9.13
N GLU A 219 9.02 8.51 8.57
CA GLU A 219 10.20 9.17 8.02
C GLU A 219 9.78 10.16 6.93
N GLN A 220 8.93 9.68 6.02
CA GLN A 220 8.38 10.48 4.92
C GLN A 220 7.57 11.67 5.43
N ARG A 221 6.65 11.44 6.37
CA ARG A 221 5.83 12.51 6.96
C ARG A 221 6.67 13.64 7.59
N ASP A 222 7.65 13.27 8.42
CA ASP A 222 8.50 14.25 9.11
C ASP A 222 9.35 15.05 8.13
N TYR A 223 9.90 14.37 7.11
CA TYR A 223 10.68 15.03 6.06
C TYR A 223 9.86 16.11 5.35
N LEU A 224 8.63 15.76 4.99
CA LEU A 224 7.74 16.66 4.27
C LEU A 224 7.23 17.79 5.17
N ALA A 225 6.98 17.48 6.44
CA ALA A 225 6.52 18.46 7.42
C ALA A 225 7.59 19.51 7.75
N ALA A 226 8.82 19.05 7.93
CA ALA A 226 9.98 19.93 8.14
C ALA A 226 10.19 20.96 7.02
N ARG A 227 9.60 20.73 5.85
CA ARG A 227 9.67 21.67 4.72
C ARG A 227 8.32 22.32 4.38
N GLY A 228 7.40 22.32 5.34
CA GLY A 228 6.13 23.03 5.21
C GLY A 228 5.20 22.55 4.11
N VAL A 229 5.25 21.26 3.77
CA VAL A 229 4.23 20.67 2.87
C VAL A 229 2.90 20.80 3.60
N ASP A 230 1.92 21.38 2.92
CA ASP A 230 0.69 21.81 3.58
C ASP A 230 -0.16 20.63 4.04
N TYR A 231 -0.29 19.64 3.15
CA TYR A 231 -1.21 18.53 3.37
C TYR A 231 -0.58 17.20 2.96
N LEU A 232 -0.94 16.13 3.66
CA LEU A 232 -0.45 14.78 3.38
C LEU A 232 -1.59 13.84 3.02
N GLN A 233 -1.26 12.82 2.24
CA GLN A 233 -2.21 11.83 1.77
C GLN A 233 -1.46 10.53 1.57
N GLY A 234 -2.09 9.42 1.95
CA GLY A 234 -1.43 8.11 1.89
C GLY A 234 -1.90 7.16 2.98
N TYR A 235 -1.37 5.95 2.91
CA TYR A 235 -1.73 4.87 3.84
C TYR A 235 -1.36 5.17 5.28
N LEU A 236 -0.35 6.01 5.50
CA LEU A 236 -0.04 6.51 6.85
C LEU A 236 -1.23 7.23 7.49
N ILE A 237 -1.91 8.05 6.69
CA ILE A 237 -3.06 8.83 7.13
C ILE A 237 -4.30 7.97 7.06
N GLY A 238 -4.45 7.23 5.96
CA GLY A 238 -5.57 6.33 5.78
C GLY A 238 -5.75 5.94 4.33
N ARG A 239 -6.04 4.67 4.12
CA ARG A 239 -6.33 4.12 2.80
C ARG A 239 -7.66 4.68 2.27
N PRO A 240 -7.90 4.58 0.95
CA PRO A 240 -9.22 4.87 0.43
C PRO A 240 -10.26 3.96 1.09
N MET A 241 -11.40 4.53 1.48
CA MET A 241 -12.37 3.81 2.30
C MET A 241 -13.82 4.14 1.92
N PRO A 242 -14.76 3.19 2.16
CA PRO A 242 -16.17 3.45 1.82
C PRO A 242 -16.81 4.54 2.66
N LEU A 243 -17.92 5.10 2.17
CA LEU A 243 -18.68 6.18 2.83
C LEU A 243 -18.79 6.02 4.35
N GLU A 244 -18.91 4.76 4.77
CA GLU A 244 -19.35 4.45 6.12
C GLU A 244 -18.15 4.56 7.07
N SER A 245 -17.03 3.87 6.76
CA SER A 245 -15.74 4.12 7.43
C SER A 245 -15.36 5.60 7.57
N LEU A 246 -15.64 6.40 6.54
CA LEU A 246 -15.34 7.84 6.57
C LEU A 246 -16.20 8.55 7.61
N LEU A 247 -17.52 8.35 7.54
CA LEU A 247 -18.44 8.96 8.51
C LEU A 247 -18.13 8.50 9.95
N SER A 248 -17.82 7.22 10.13
CA SER A 248 -17.41 6.70 11.44
C SER A 248 -16.16 7.41 11.96
N SER A 249 -15.13 7.51 11.12
CA SER A 249 -13.88 8.17 11.51
C SER A 249 -14.05 9.66 11.80
N LEU A 250 -14.85 10.34 10.97
CA LEU A 250 -15.16 11.75 11.17
C LEU A 250 -15.95 12.00 12.45
N THR A 251 -16.86 11.08 12.79
CA THR A 251 -17.60 11.10 14.05
C THR A 251 -16.63 11.07 15.25
N VAL A 252 -15.66 10.15 15.24
CA VAL A 252 -14.64 10.08 16.30
C VAL A 252 -13.91 11.42 16.43
N GLN A 253 -13.56 12.02 15.29
CA GLN A 253 -12.80 13.27 15.27
C GLN A 253 -13.55 14.50 15.79
N GLU A 254 -14.89 14.46 15.81
CA GLU A 254 -15.69 15.49 16.51
C GLU A 254 -15.45 15.47 18.03
N GLY A 255 -15.16 14.28 18.58
CA GLY A 255 -14.71 14.14 19.96
C GLY A 255 -13.28 14.63 20.15
N GLN A 256 -13.12 15.71 20.92
CA GLN A 256 -11.83 16.39 21.13
C GLN A 256 -11.22 16.91 19.82
N SER B 1 0.77 -21.89 -22.92
CA SER B 1 0.16 -22.38 -21.66
C SER B 1 0.85 -21.79 -20.40
N PRO B 2 0.16 -21.85 -19.25
CA PRO B 2 0.74 -21.38 -17.98
C PRO B 2 2.09 -22.01 -17.61
N SER B 3 2.21 -23.31 -17.80
CA SER B 3 3.43 -24.05 -17.44
C SER B 3 4.62 -23.58 -18.27
N SER B 4 4.46 -23.49 -19.58
CA SER B 4 5.53 -22.98 -20.46
C SER B 4 5.99 -21.57 -20.08
N GLU B 5 5.02 -20.69 -19.79
CA GLU B 5 5.30 -19.30 -19.40
C GLU B 5 6.15 -19.20 -18.12
N LEU B 6 5.77 -19.97 -17.09
CA LEU B 6 6.50 -19.98 -15.81
C LEU B 6 7.87 -20.61 -15.98
N ARG B 7 7.87 -21.80 -16.58
CA ARG B 7 9.08 -22.60 -16.87
C ARG B 7 10.13 -21.79 -17.63
N ARG B 8 9.69 -20.98 -18.59
CA ARG B 8 10.57 -20.08 -19.33
C ARG B 8 11.07 -18.93 -18.45
N ALA B 9 10.15 -18.32 -17.71
CA ALA B 9 10.45 -17.16 -16.84
C ALA B 9 11.52 -17.50 -15.78
N LEU B 10 11.48 -18.72 -15.27
CA LEU B 10 12.47 -19.21 -14.31
C LEU B 10 13.88 -19.36 -14.93
N GLU B 11 13.94 -19.87 -16.17
CA GLU B 11 15.22 -19.98 -16.91
C GLU B 11 15.79 -18.62 -17.29
N ALA B 12 14.90 -17.68 -17.64
CA ALA B 12 15.26 -16.28 -17.91
C ALA B 12 15.35 -15.40 -16.65
N ASN B 13 15.54 -16.01 -15.48
CA ASN B 13 15.37 -15.40 -14.14
C ASN B 13 14.57 -14.11 -14.04
N GLU B 14 13.28 -14.26 -14.36
CA GLU B 14 12.29 -13.18 -14.26
C GLU B 14 11.67 -13.09 -12.85
N PHE B 15 11.94 -14.06 -11.99
CA PHE B 15 11.49 -14.05 -10.60
C PHE B 15 12.56 -13.46 -9.71
N ILE B 16 12.26 -12.28 -9.14
CA ILE B 16 13.21 -11.55 -8.29
C ILE B 16 12.73 -11.50 -6.84
N PRO B 17 13.66 -11.38 -5.89
CA PRO B 17 13.25 -11.07 -4.51
C PRO B 17 12.94 -9.59 -4.31
N TYR B 18 11.76 -9.31 -3.76
CA TYR B 18 11.52 -8.06 -3.07
C TYR B 18 11.66 -8.36 -1.58
N TYR B 19 12.01 -7.33 -0.82
CA TYR B 19 12.38 -7.45 0.57
C TYR B 19 11.53 -6.52 1.41
N GLN B 20 10.72 -7.06 2.33
CA GLN B 20 9.98 -6.23 3.26
C GLN B 20 10.64 -6.26 4.64
N PRO B 21 11.04 -5.09 5.17
CA PRO B 21 11.70 -5.07 6.47
C PRO B 21 10.76 -5.36 7.67
N LEU B 22 11.34 -5.92 8.72
CA LEU B 22 10.71 -6.01 10.04
C LEU B 22 11.42 -5.09 11.01
N SER B 23 10.64 -4.52 11.91
CA SER B 23 11.10 -3.55 12.88
C SER B 23 10.76 -4.10 14.25
N PRO B 24 11.56 -3.78 15.28
CA PRO B 24 11.12 -4.08 16.64
C PRO B 24 9.84 -3.32 17.01
N GLY B 25 9.02 -3.92 17.86
CA GLY B 25 7.75 -3.32 18.27
C GLY B 25 7.87 -1.96 18.92
N GLN B 26 8.96 -1.75 19.67
CA GLN B 26 9.29 -0.46 20.26
C GLN B 26 10.11 0.45 19.32
N GLY B 27 10.14 0.12 18.02
CA GLY B 27 10.85 0.91 17.02
C GLY B 27 12.34 0.63 16.98
N GLY B 28 13.02 1.31 16.06
CA GLY B 28 14.47 1.25 15.93
C GLY B 28 14.92 0.77 14.55
N ARG B 29 16.17 0.31 14.49
CA ARG B 29 16.75 -0.22 13.28
C ARG B 29 16.04 -1.50 12.82
N TRP B 30 16.08 -1.75 11.52
CA TRP B 30 15.51 -2.96 10.95
C TRP B 30 16.29 -4.19 11.43
N ILE B 31 15.57 -5.21 11.88
CA ILE B 31 16.20 -6.43 12.42
C ILE B 31 16.06 -7.64 11.49
N GLY B 32 15.47 -7.42 10.32
CA GLY B 32 15.26 -8.50 9.38
C GLY B 32 14.42 -8.14 8.18
N VAL B 33 14.24 -9.09 7.27
CA VAL B 33 13.36 -8.93 6.12
C VAL B 33 12.56 -10.18 5.82
N GLU B 34 11.35 -10.00 5.29
CA GLU B 34 10.62 -11.08 4.62
C GLU B 34 10.91 -10.96 3.13
N VAL B 35 11.27 -12.08 2.53
CA VAL B 35 11.52 -12.14 1.10
C VAL B 35 10.22 -12.47 0.40
N LEU B 36 9.78 -11.58 -0.48
CA LEU B 36 8.57 -11.74 -1.26
C LEU B 36 8.89 -11.87 -2.75
N MET B 37 8.29 -12.85 -3.41
CA MET B 37 8.58 -13.11 -4.82
C MET B 37 7.85 -12.12 -5.71
N ARG B 38 8.53 -11.65 -6.76
CA ARG B 38 7.93 -10.78 -7.77
C ARG B 38 8.31 -11.28 -9.14
N TRP B 39 7.36 -11.22 -10.08
CA TRP B 39 7.60 -11.59 -11.48
C TRP B 39 7.85 -10.32 -12.28
N ARG B 40 9.12 -10.12 -12.63
CA ARG B 40 9.55 -9.05 -13.54
C ARG B 40 9.21 -9.48 -14.97
N HIS B 41 7.97 -9.20 -15.38
CA HIS B 41 7.48 -9.62 -16.71
C HIS B 41 7.85 -8.54 -17.74
N PRO B 42 8.66 -8.90 -18.77
CA PRO B 42 9.18 -7.90 -19.72
C PRO B 42 8.08 -7.16 -20.50
N ARG B 43 7.00 -7.88 -20.83
CA ARG B 43 5.82 -7.29 -21.48
C ARG B 43 4.90 -6.58 -20.47
N GLU B 44 4.43 -7.34 -19.48
CA GLU B 44 3.29 -6.94 -18.64
C GLU B 44 3.65 -6.22 -17.33
N GLY B 45 4.94 -5.98 -17.08
CA GLY B 45 5.39 -5.24 -15.91
C GLY B 45 5.62 -6.11 -14.68
N LEU B 46 5.60 -5.48 -13.50
CA LEU B 46 5.81 -6.19 -12.24
C LEU B 46 4.49 -6.88 -11.82
N ILE B 47 4.51 -8.20 -11.79
CA ILE B 47 3.31 -9.00 -11.49
C ILE B 47 3.38 -9.57 -10.07
N ARG B 48 2.24 -9.46 -9.36
CA ARG B 48 2.17 -9.85 -7.95
C ARG B 48 2.00 -11.36 -7.79
N PRO B 49 2.48 -11.94 -6.67
CA PRO B 49 2.38 -13.36 -6.31
C PRO B 49 1.03 -14.05 -6.49
N ASP B 50 -0.07 -13.36 -6.17
CA ASP B 50 -1.40 -13.99 -6.21
C ASP B 50 -1.89 -14.39 -7.62
N LEU B 51 -1.33 -13.76 -8.66
CA LEU B 51 -1.62 -14.16 -10.05
C LEU B 51 -0.75 -15.32 -10.58
N PHE B 52 0.25 -15.78 -9.82
CA PHE B 52 1.11 -16.89 -10.29
C PHE B 52 1.54 -17.97 -9.26
N ILE B 53 1.57 -17.66 -7.97
CA ILE B 53 1.98 -18.62 -6.93
C ILE B 53 1.08 -19.86 -6.84
N PRO B 54 -0.27 -19.68 -6.91
CA PRO B 54 -1.13 -20.87 -6.84
C PRO B 54 -0.80 -21.95 -7.89
N PHE B 55 -0.58 -21.55 -9.15
CA PHE B 55 -0.22 -22.51 -10.18
C PHE B 55 1.19 -23.10 -9.99
N ALA B 56 2.13 -22.28 -9.53
CA ALA B 56 3.48 -22.77 -9.21
C ALA B 56 3.42 -23.84 -8.14
N GLU B 57 2.49 -23.71 -7.19
CA GLU B 57 2.29 -24.71 -6.14
C GLU B 57 1.65 -26.00 -6.65
N ARG B 58 0.60 -25.89 -7.48
CA ARG B 58 -0.06 -27.07 -8.06
C ARG B 58 0.88 -27.85 -8.98
N SER B 59 1.54 -27.14 -9.89
CA SER B 59 2.49 -27.74 -10.84
C SER B 59 3.77 -28.28 -10.19
N GLY B 60 4.08 -27.82 -8.97
CA GLY B 60 5.31 -28.17 -8.27
C GLY B 60 6.50 -27.32 -8.67
N LEU B 61 6.27 -26.29 -9.50
CA LEU B 61 7.36 -25.44 -10.02
C LEU B 61 7.87 -24.41 -8.99
N ILE B 62 7.12 -24.21 -7.90
CA ILE B 62 7.55 -23.34 -6.80
C ILE B 62 8.84 -23.85 -6.14
N VAL B 63 9.04 -25.17 -6.13
CA VAL B 63 10.23 -25.80 -5.54
C VAL B 63 11.54 -25.30 -6.17
N PRO B 64 11.64 -25.34 -7.52
CA PRO B 64 12.80 -24.68 -8.14
C PRO B 64 12.81 -23.15 -8.00
N MET B 65 11.65 -22.49 -8.14
CA MET B 65 11.54 -21.02 -7.98
C MET B 65 12.04 -20.55 -6.62
N THR B 66 11.71 -21.29 -5.57
CA THR B 66 12.16 -21.00 -4.21
C THR B 66 13.67 -21.24 -4.07
N ARG B 67 14.18 -22.30 -4.72
CA ARG B 67 15.62 -22.55 -4.75
C ARG B 67 16.37 -21.41 -5.44
N ALA B 68 15.85 -20.98 -6.60
CA ALA B 68 16.40 -19.85 -7.33
C ALA B 68 16.40 -18.57 -6.49
N LEU B 69 15.32 -18.38 -5.73
CA LEU B 69 15.14 -17.19 -4.90
C LEU B 69 16.11 -17.18 -3.73
N MET B 70 16.23 -18.30 -3.01
CA MET B 70 17.15 -18.41 -1.88
C MET B 70 18.61 -18.19 -2.32
N ARG B 71 18.99 -18.77 -3.47
CA ARG B 71 20.32 -18.52 -4.04
C ARG B 71 20.53 -17.03 -4.32
N GLN B 72 19.53 -16.41 -4.95
CA GLN B 72 19.56 -14.98 -5.29
C GLN B 72 19.71 -14.08 -4.06
N VAL B 73 19.03 -14.42 -2.97
CA VAL B 73 19.12 -13.65 -1.72
C VAL B 73 20.54 -13.71 -1.14
N ALA B 74 21.14 -14.90 -1.16
CA ALA B 74 22.54 -15.08 -0.74
C ALA B 74 23.52 -14.25 -1.59
N GLU B 75 23.32 -14.24 -2.91
CA GLU B 75 24.09 -13.36 -3.80
C GLU B 75 23.84 -11.90 -3.44
N ASP B 76 22.57 -11.53 -3.30
CA ASP B 76 22.15 -10.15 -2.99
C ASP B 76 22.67 -9.58 -1.68
N LEU B 77 22.66 -10.40 -0.62
CA LEU B 77 22.98 -9.93 0.75
C LEU B 77 24.21 -10.55 1.41
N GLY B 78 24.73 -11.65 0.88
CA GLY B 78 25.92 -12.31 1.44
C GLY B 78 27.17 -11.44 1.41
N GLY B 79 27.33 -10.69 0.33
CA GLY B 79 28.43 -9.72 0.20
C GLY B 79 28.32 -8.50 1.13
N HIS B 80 27.09 -8.14 1.51
CA HIS B 80 26.82 -6.95 2.31
C HIS B 80 26.48 -7.28 3.77
N ALA B 81 27.04 -8.36 4.30
CA ALA B 81 26.76 -8.80 5.69
C ALA B 81 27.09 -7.73 6.74
N GLY B 82 28.10 -6.90 6.46
CA GLY B 82 28.46 -5.77 7.32
C GLY B 82 27.34 -4.79 7.62
N LYS B 83 26.42 -4.61 6.66
CA LYS B 83 25.25 -3.75 6.84
C LYS B 83 24.11 -4.35 7.69
N LEU B 84 24.21 -5.64 8.02
CA LEU B 84 23.15 -6.37 8.72
C LEU B 84 23.45 -6.50 10.21
N GLU B 85 22.52 -6.03 11.05
CA GLU B 85 22.58 -6.21 12.52
C GLU B 85 22.75 -7.69 12.89
N PRO B 86 23.59 -7.99 13.91
CA PRO B 86 23.82 -9.42 14.24
C PRO B 86 22.51 -10.15 14.63
N GLY B 87 22.35 -11.35 14.09
CA GLY B 87 21.10 -12.12 14.19
C GLY B 87 19.99 -11.65 13.27
N PHE B 88 20.36 -10.99 12.16
CA PHE B 88 19.39 -10.45 11.17
C PHE B 88 18.46 -11.52 10.64
N HIS B 89 17.15 -11.31 10.76
CA HIS B 89 16.16 -12.30 10.33
C HIS B 89 15.94 -12.24 8.81
N ILE B 90 16.03 -13.38 8.15
CA ILE B 90 15.69 -13.49 6.73
C ILE B 90 14.61 -14.56 6.58
N GLY B 91 13.40 -14.13 6.23
CA GLY B 91 12.24 -15.01 6.10
C GLY B 91 11.94 -15.39 4.67
N PHE B 92 11.55 -16.66 4.46
CA PHE B 92 11.09 -17.15 3.16
C PHE B 92 9.72 -17.79 3.32
N ASN B 93 8.84 -17.52 2.36
CA ASN B 93 7.54 -18.18 2.32
C ASN B 93 7.71 -19.54 1.64
N ILE B 94 7.28 -20.62 2.32
CA ILE B 94 7.40 -21.97 1.77
C ILE B 94 6.04 -22.66 1.67
N SER B 95 5.89 -23.52 0.68
CA SER B 95 4.62 -24.13 0.29
C SER B 95 4.36 -25.48 0.96
N ALA B 96 3.18 -26.05 0.70
CA ALA B 96 2.85 -27.43 1.12
C ALA B 96 3.64 -28.48 0.32
N THR B 97 3.86 -28.22 -0.97
CA THR B 97 4.74 -29.06 -1.80
C THR B 97 6.19 -29.15 -1.28
N HIS B 98 6.65 -28.09 -0.62
CA HIS B 98 7.96 -28.14 0.08
C HIS B 98 7.96 -29.08 1.28
N CYS B 99 6.83 -29.18 1.97
CA CYS B 99 6.75 -29.91 3.25
C CYS B 99 6.89 -31.42 3.13
N HIS B 100 6.51 -32.02 2.00
CA HIS B 100 6.73 -33.47 1.80
C HIS B 100 7.96 -33.71 0.91
N GLU B 101 9.03 -32.94 1.18
CA GLU B 101 10.39 -33.18 0.65
C GLU B 101 11.43 -32.94 1.77
N LEU B 102 12.71 -33.09 1.44
CA LEU B 102 13.77 -32.86 2.44
C LEU B 102 15.04 -32.14 2.01
N ALA B 103 15.20 -31.87 0.72
CA ALA B 103 16.40 -31.14 0.25
C ALA B 103 16.46 -29.73 0.84
N LEU B 104 15.31 -29.06 0.98
CA LEU B 104 15.15 -27.83 1.80
C LEU B 104 16.17 -27.60 2.92
N VAL B 105 16.55 -28.66 3.66
CA VAL B 105 17.62 -28.61 4.67
C VAL B 105 18.98 -28.20 4.07
N ASP B 106 19.33 -28.78 2.92
CA ASP B 106 20.55 -28.43 2.19
C ASP B 106 20.55 -26.97 1.78
N ASP B 107 19.43 -26.51 1.24
CA ASP B 107 19.25 -25.10 0.80
C ASP B 107 19.40 -24.11 1.94
N CYS B 108 18.83 -24.44 3.09
CA CYS B 108 18.96 -23.63 4.31
C CYS B 108 20.41 -23.57 4.80
N ARG B 109 21.07 -24.73 4.88
CA ARG B 109 22.50 -24.80 5.24
C ARG B 109 23.38 -24.01 4.27
N GLU B 110 23.04 -24.07 2.98
CA GLU B 110 23.73 -23.33 1.92
C GLU B 110 23.62 -21.83 2.12
N LEU B 111 22.40 -21.36 2.39
CA LEU B 111 22.14 -19.94 2.61
C LEU B 111 22.80 -19.45 3.88
N LEU B 112 22.64 -20.19 4.99
CA LEU B 112 23.32 -19.87 6.25
C LEU B 112 24.85 -19.75 6.06
N ALA B 113 25.41 -20.67 5.26
CA ALA B 113 26.86 -20.69 4.97
C ALA B 113 27.36 -19.49 4.16
N ALA B 114 26.46 -18.83 3.42
CA ALA B 114 26.80 -17.62 2.66
C ALA B 114 27.03 -16.37 3.54
N PHE B 115 26.68 -16.47 4.82
CA PHE B 115 27.01 -15.46 5.83
C PHE B 115 27.91 -16.11 6.89
N PRO B 116 28.51 -15.32 7.80
CA PRO B 116 29.22 -15.92 8.96
C PRO B 116 28.26 -16.72 9.87
N PRO B 117 28.70 -17.88 10.41
CA PRO B 117 27.90 -18.65 11.37
C PRO B 117 27.33 -17.83 12.55
N GLY B 118 25.99 -17.82 12.66
CA GLY B 118 25.30 -17.07 13.71
C GLY B 118 24.98 -15.62 13.39
N HIS B 119 25.41 -15.12 12.23
CA HIS B 119 25.19 -13.73 11.85
C HIS B 119 23.76 -13.45 11.40
N ILE B 120 23.10 -14.42 10.78
CA ILE B 120 21.69 -14.31 10.41
C ILE B 120 20.84 -15.41 11.05
N THR B 121 19.55 -15.12 11.21
CA THR B 121 18.56 -16.07 11.63
C THR B 121 17.66 -16.33 10.41
N LEU B 122 17.60 -17.60 9.99
CA LEU B 122 16.78 -18.01 8.86
C LEU B 122 15.41 -18.45 9.36
N VAL B 123 14.36 -17.90 8.75
CA VAL B 123 12.98 -18.15 9.15
C VAL B 123 12.19 -18.69 7.95
N LEU B 124 11.32 -19.67 8.22
CA LEU B 124 10.45 -20.24 7.20
C LEU B 124 9.01 -20.06 7.66
N GLU B 125 8.17 -19.51 6.77
CA GLU B 125 6.80 -19.17 7.11
C GLU B 125 5.86 -20.15 6.43
N LEU B 126 4.99 -20.78 7.22
CA LEU B 126 3.98 -21.70 6.73
C LEU B 126 2.63 -21.22 7.25
N THR B 127 1.57 -21.40 6.49
CA THR B 127 0.20 -21.23 7.02
C THR B 127 -0.16 -22.46 7.90
N GLU B 128 -1.22 -22.32 8.69
CA GLU B 128 -1.65 -23.39 9.58
C GLU B 128 -2.01 -24.64 8.80
N ARG B 129 -2.78 -24.48 7.72
CA ARG B 129 -3.22 -25.62 6.89
C ARG B 129 -2.10 -26.48 6.32
N GLU B 130 -0.95 -25.88 6.04
CA GLU B 130 0.22 -26.61 5.55
C GLU B 130 0.96 -27.41 6.64
N LEU B 131 0.86 -26.93 7.88
CA LEU B 131 1.58 -27.50 9.03
C LEU B 131 0.70 -28.49 9.82
N ILE B 132 -0.63 -28.28 9.85
CA ILE B 132 -1.57 -29.37 10.16
C ILE B 132 -1.58 -30.30 8.94
N GLU B 133 -2.23 -31.45 9.07
CA GLU B 133 -2.26 -32.48 8.01
C GLU B 133 -0.86 -32.64 7.40
N SER B 134 0.05 -33.12 8.23
CA SER B 134 1.47 -33.26 7.91
C SER B 134 2.01 -34.57 8.48
N SER B 135 3.13 -35.03 7.92
CA SER B 135 3.59 -36.41 8.10
C SER B 135 4.87 -36.53 8.93
N GLU B 136 5.25 -37.77 9.21
CA GLU B 136 6.51 -38.11 9.89
C GLU B 136 7.75 -37.56 9.16
N VAL B 137 7.69 -37.47 7.83
CA VAL B 137 8.78 -36.89 7.04
C VAL B 137 9.02 -35.40 7.40
N THR B 138 7.95 -34.62 7.54
CA THR B 138 8.05 -33.21 7.94
C THR B 138 8.54 -33.07 9.38
N ASP B 139 8.09 -33.99 10.24
CA ASP B 139 8.50 -34.01 11.63
C ASP B 139 10.01 -34.06 11.77
N ARG B 140 10.67 -34.88 10.96
CA ARG B 140 12.14 -34.97 10.99
C ARG B 140 12.76 -33.80 10.24
N LEU B 141 12.06 -33.30 9.21
CA LEU B 141 12.48 -32.10 8.49
C LEU B 141 12.60 -30.89 9.44
N PHE B 142 11.56 -30.67 10.23
CA PHE B 142 11.54 -29.58 11.20
C PHE B 142 12.56 -29.80 12.32
N ASP B 143 12.70 -31.04 12.78
CA ASP B 143 13.77 -31.45 13.70
C ASP B 143 15.16 -31.09 13.18
N GLU B 144 15.43 -31.49 11.94
CA GLU B 144 16.73 -31.22 11.31
C GLU B 144 16.97 -29.74 11.05
N LEU B 145 15.93 -29.04 10.59
CA LEU B 145 15.99 -27.58 10.38
C LEU B 145 16.27 -26.85 11.70
N HIS B 146 15.56 -27.21 12.77
CA HIS B 146 15.84 -26.66 14.10
C HIS B 146 17.26 -26.94 14.60
N ALA B 147 17.79 -28.13 14.30
CA ALA B 147 19.19 -28.46 14.65
C ALA B 147 20.22 -27.52 14.00
N LEU B 148 19.89 -26.95 12.84
CA LEU B 148 20.69 -25.89 12.20
C LEU B 148 20.44 -24.48 12.77
N GLY B 149 19.49 -24.34 13.71
CA GLY B 149 19.07 -23.03 14.21
C GLY B 149 18.12 -22.26 13.29
N VAL B 150 17.45 -22.97 12.38
CA VAL B 150 16.41 -22.38 11.53
C VAL B 150 15.11 -22.34 12.33
N LYS B 151 14.38 -21.24 12.21
CA LYS B 151 13.10 -21.06 12.92
C LYS B 151 11.93 -21.23 11.97
N ILE B 152 10.78 -21.58 12.53
CA ILE B 152 9.54 -21.78 11.78
C ILE B 152 8.48 -20.82 12.31
N ALA B 153 7.82 -20.12 11.38
CA ALA B 153 6.76 -19.16 11.73
C ALA B 153 5.44 -19.57 11.11
N ILE B 154 4.36 -19.46 11.88
CA ILE B 154 3.03 -19.65 11.33
C ILE B 154 2.57 -18.32 10.73
N ASP B 155 2.40 -18.36 9.40
CA ASP B 155 1.98 -17.21 8.62
C ASP B 155 0.47 -17.01 8.76
N ASP B 156 0.02 -15.77 8.60
CA ASP B 156 -1.41 -15.42 8.64
C ASP B 156 -2.16 -16.06 9.82
N PHE B 157 -1.53 -16.09 11.00
CA PHE B 157 -2.12 -16.75 12.16
C PHE B 157 -3.43 -16.08 12.57
N GLY B 158 -4.39 -16.91 12.98
CA GLY B 158 -5.71 -16.45 13.43
C GLY B 158 -6.81 -16.55 12.38
N THR B 159 -6.43 -16.55 11.09
CA THR B 159 -7.39 -16.70 10.01
C THR B 159 -7.73 -18.18 9.87
N ALA B 165 -4.29 -26.32 18.14
CA ALA B 165 -4.00 -27.71 17.78
C ALA B 165 -2.48 -27.94 17.70
N TYR B 166 -2.08 -29.12 17.20
CA TYR B 166 -0.67 -29.47 16.84
C TYR B 166 0.50 -28.99 17.72
N LEU B 167 0.68 -27.67 17.82
CA LEU B 167 1.94 -26.96 18.19
C LEU B 167 3.11 -27.83 18.69
N ARG B 168 2.85 -28.63 19.72
CA ARG B 168 3.80 -29.65 20.25
C ARG B 168 4.44 -30.56 19.21
N LYS B 169 3.68 -30.94 18.19
CA LYS B 169 4.21 -31.57 16.99
C LYS B 169 4.31 -30.55 15.86
N PHE B 170 5.25 -30.78 14.95
CA PHE B 170 5.56 -29.86 13.83
C PHE B 170 5.99 -28.50 14.42
N GLN B 171 6.85 -28.53 15.44
CA GLN B 171 7.02 -27.42 16.41
C GLN B 171 7.44 -26.08 15.77
N VAL B 172 6.94 -24.98 16.33
CA VAL B 172 7.10 -23.64 15.77
C VAL B 172 7.64 -22.65 16.80
N ASP B 173 8.26 -21.59 16.30
CA ASP B 173 8.92 -20.57 17.15
C ASP B 173 8.27 -19.19 17.12
N CYS B 174 7.39 -18.94 16.16
CA CYS B 174 6.88 -17.60 15.92
C CYS B 174 5.49 -17.61 15.30
N LEU B 175 4.65 -16.65 15.71
CA LEU B 175 3.34 -16.45 15.09
C LEU B 175 3.34 -15.12 14.38
N LYS B 176 2.78 -15.08 13.18
CA LYS B 176 2.61 -13.82 12.44
C LYS B 176 1.13 -13.47 12.40
N ILE B 177 0.75 -12.38 13.07
CA ILE B 177 -0.65 -11.92 13.09
C ILE B 177 -1.03 -11.41 11.70
N ASP B 178 -2.03 -12.05 11.09
CA ASP B 178 -2.52 -11.64 9.78
C ASP B 178 -2.98 -10.17 9.75
N GLN B 179 -2.77 -9.52 8.61
CA GLN B 179 -3.16 -8.11 8.46
C GLN B 179 -4.66 -7.80 8.69
N SER B 180 -5.53 -8.79 8.55
CA SER B 180 -6.97 -8.65 8.84
C SER B 180 -7.26 -8.20 10.28
N PHE B 181 -6.51 -8.72 11.25
CA PHE B 181 -6.63 -8.27 12.64
C PHE B 181 -6.13 -6.85 12.85
N VAL B 182 -4.96 -6.55 12.27
CA VAL B 182 -4.33 -5.23 12.44
C VAL B 182 -5.15 -4.14 11.74
N ALA B 183 -5.75 -4.49 10.60
CA ALA B 183 -6.59 -3.56 9.84
C ALA B 183 -7.77 -3.02 10.64
N ARG B 184 -8.32 -3.86 11.52
CA ARG B 184 -9.51 -3.53 12.31
C ARG B 184 -9.22 -2.94 13.68
N ILE B 185 -7.96 -2.62 14.00
CA ILE B 185 -7.63 -1.95 15.27
C ILE B 185 -8.37 -0.61 15.35
N GLY B 186 -9.08 -0.38 16.46
CA GLY B 186 -9.78 0.89 16.70
C GLY B 186 -11.15 1.06 16.08
N ILE B 187 -11.60 0.10 15.27
CA ILE B 187 -12.94 0.14 14.67
C ILE B 187 -13.73 -1.14 14.93
N ASP B 188 -13.35 -1.89 15.97
CA ASP B 188 -13.97 -3.17 16.28
C ASP B 188 -13.39 -3.69 17.59
N THR B 189 -14.15 -3.53 18.68
CA THR B 189 -13.72 -3.96 20.01
C THR B 189 -13.55 -5.48 20.10
N LEU B 190 -14.44 -6.22 19.43
CA LEU B 190 -14.38 -7.69 19.41
C LEU B 190 -13.08 -8.22 18.84
N SER B 191 -12.74 -7.75 17.64
CA SER B 191 -11.48 -8.14 16.99
C SER B 191 -10.29 -7.65 17.80
N GLY B 192 -10.43 -6.50 18.45
CA GLY B 192 -9.43 -6.00 19.39
C GLY B 192 -9.17 -6.95 20.56
N HIS B 193 -10.25 -7.51 21.10
CA HIS B 193 -10.15 -8.49 22.19
C HIS B 193 -9.51 -9.80 21.72
N ILE B 194 -9.90 -10.24 20.53
CA ILE B 194 -9.33 -11.46 19.92
C ILE B 194 -7.84 -11.28 19.66
N LEU B 195 -7.47 -10.12 19.15
CA LEU B 195 -6.07 -9.77 18.89
C LEU B 195 -5.26 -9.73 20.19
N ASP B 196 -5.83 -9.14 21.25
CA ASP B 196 -5.20 -9.17 22.57
C ASP B 196 -4.98 -10.62 23.07
N SER B 197 -5.94 -11.50 22.78
CA SER B 197 -5.86 -12.91 23.14
C SER B 197 -4.71 -13.62 22.42
N ILE B 198 -4.59 -13.41 21.11
CA ILE B 198 -3.52 -13.98 20.30
C ILE B 198 -2.14 -13.56 20.82
N VAL B 199 -2.02 -12.29 21.20
CA VAL B 199 -0.75 -11.75 21.71
C VAL B 199 -0.40 -12.39 23.05
N GLU B 200 -1.39 -12.50 23.94
CA GLU B 200 -1.19 -13.13 25.25
C GLU B 200 -0.90 -14.64 25.14
N LEU B 201 -1.55 -15.30 24.19
CA LEU B 201 -1.29 -16.71 23.89
C LEU B 201 0.15 -16.92 23.46
N SER B 202 0.64 -16.08 22.54
CA SER B 202 2.03 -16.18 22.06
C SER B 202 3.04 -16.11 23.21
N ALA B 203 2.78 -15.23 24.17
CA ALA B 203 3.61 -15.10 25.37
C ALA B 203 3.53 -16.32 26.31
N LYS B 204 2.33 -16.89 26.47
CA LYS B 204 2.16 -18.14 27.24
C LYS B 204 2.98 -19.29 26.63
N LEU B 205 2.89 -19.42 25.31
CA LEU B 205 3.58 -20.47 24.56
C LEU B 205 5.06 -20.19 24.27
N ASP B 206 5.55 -19.02 24.68
CA ASP B 206 6.95 -18.63 24.52
C ASP B 206 7.37 -18.52 23.05
N LEU B 207 6.45 -18.01 22.22
CA LEU B 207 6.69 -17.81 20.78
C LEU B 207 6.83 -16.33 20.51
N ASP B 208 7.77 -15.95 19.65
CA ASP B 208 7.84 -14.57 19.16
C ASP B 208 6.59 -14.26 18.34
N ILE B 209 6.20 -12.99 18.28
CA ILE B 209 5.05 -12.61 17.49
C ILE B 209 5.35 -11.38 16.61
N VAL B 210 5.02 -11.50 15.33
CA VAL B 210 5.09 -10.38 14.38
C VAL B 210 3.66 -9.94 14.06
N ALA B 211 3.42 -8.63 14.06
CA ALA B 211 2.18 -8.07 13.50
C ALA B 211 2.44 -7.63 12.06
N GLU B 212 1.61 -8.10 11.12
CA GLU B 212 1.71 -7.76 9.70
C GLU B 212 0.67 -6.73 9.33
N GLY B 213 0.99 -5.93 8.31
CA GLY B 213 0.07 -4.95 7.76
C GLY B 213 -0.09 -3.69 8.59
N VAL B 214 0.96 -3.33 9.31
CA VAL B 214 0.95 -2.10 10.10
C VAL B 214 1.09 -0.92 9.13
N GLU B 215 0.02 -0.14 8.99
CA GLU B 215 -0.02 1.01 8.07
C GLU B 215 -0.07 2.37 8.76
N THR B 216 -0.78 2.46 9.89
CA THR B 216 -1.01 3.74 10.57
C THR B 216 -0.28 3.79 11.90
N PRO B 217 0.00 5.00 12.40
CA PRO B 217 0.54 5.14 13.76
C PRO B 217 -0.39 4.63 14.87
N GLU B 218 -1.71 4.72 14.67
CA GLU B 218 -2.66 4.16 15.64
C GLU B 218 -2.38 2.67 15.85
N GLN B 219 -2.25 1.95 14.74
CA GLN B 219 -1.95 0.52 14.74
C GLN B 219 -0.63 0.19 15.42
N ARG B 220 0.44 0.91 15.06
CA ARG B 220 1.77 0.70 15.67
C ARG B 220 1.78 0.86 17.18
N ASP B 221 1.19 1.96 17.66
CA ASP B 221 1.15 2.28 19.10
C ASP B 221 0.35 1.23 19.87
N TYR B 222 -0.79 0.82 19.31
CA TYR B 222 -1.63 -0.21 19.90
C TYR B 222 -0.87 -1.52 20.11
N LEU B 223 -0.14 -1.94 19.09
CA LEU B 223 0.62 -3.18 19.12
C LEU B 223 1.85 -3.09 20.02
N ALA B 224 2.49 -1.90 20.04
CA ALA B 224 3.65 -1.64 20.89
C ALA B 224 3.29 -1.64 22.36
N ALA B 225 2.19 -0.98 22.71
CA ALA B 225 1.67 -0.96 24.08
C ALA B 225 1.39 -2.36 24.67
N ARG B 226 1.27 -3.37 23.80
CA ARG B 226 1.07 -4.75 24.23
C ARG B 226 2.26 -5.68 23.95
N GLY B 227 3.44 -5.09 23.76
CA GLY B 227 4.69 -5.83 23.64
C GLY B 227 4.80 -6.79 22.47
N VAL B 228 4.14 -6.48 21.35
CA VAL B 228 4.31 -7.25 20.11
C VAL B 228 5.79 -7.10 19.72
N ASP B 229 6.45 -8.23 19.46
CA ASP B 229 7.91 -8.23 19.33
C ASP B 229 8.39 -7.49 18.10
N TYR B 230 7.71 -7.73 16.98
CA TYR B 230 8.13 -7.20 15.69
C TYR B 230 6.95 -6.67 14.89
N LEU B 231 7.20 -5.63 14.10
CA LEU B 231 6.21 -5.04 13.20
C LEU B 231 6.61 -5.16 11.74
N GLN B 232 5.60 -5.23 10.88
CA GLN B 232 5.80 -5.37 9.44
C GLN B 232 4.63 -4.69 8.75
N GLY B 233 4.90 -3.98 7.67
CA GLY B 233 3.88 -3.22 6.96
C GLY B 233 4.41 -1.96 6.30
N TYR B 234 3.54 -1.28 5.56
CA TYR B 234 3.91 -0.07 4.81
C TYR B 234 4.37 1.07 5.72
N LEU B 235 3.90 1.11 6.97
CA LEU B 235 4.42 2.06 7.97
C LEU B 235 5.90 1.90 8.19
N ILE B 236 6.37 0.64 8.25
CA ILE B 236 7.79 0.31 8.45
C ILE B 236 8.52 0.38 7.13
N GLY B 237 7.90 -0.17 6.09
CA GLY B 237 8.47 -0.15 4.76
C GLY B 237 7.77 -1.15 3.86
N ARG B 238 7.35 -0.71 2.67
CA ARG B 238 6.72 -1.61 1.70
C ARG B 238 7.74 -2.62 1.20
N PRO B 239 7.29 -3.71 0.56
CA PRO B 239 8.25 -4.59 -0.14
C PRO B 239 9.02 -3.76 -1.18
N MET B 240 10.34 -3.93 -1.23
CA MET B 240 11.19 -3.06 -2.03
C MET B 240 12.33 -3.84 -2.70
N PRO B 241 12.81 -3.36 -3.87
CA PRO B 241 13.91 -4.04 -4.56
C PRO B 241 15.24 -3.94 -3.77
N LEU B 242 16.19 -4.83 -4.08
CA LEU B 242 17.51 -4.83 -3.42
C LEU B 242 18.15 -3.46 -3.21
N GLU B 243 18.09 -2.59 -4.22
CA GLU B 243 18.76 -1.27 -4.14
C GLU B 243 18.17 -0.43 -3.00
N SER B 244 16.86 -0.22 -2.99
CA SER B 244 16.16 0.49 -1.90
C SER B 244 16.48 -0.05 -0.50
N LEU B 245 16.61 -1.38 -0.39
CA LEU B 245 16.96 -2.03 0.89
C LEU B 245 18.37 -1.63 1.33
N LEU B 246 19.33 -1.83 0.44
CA LEU B 246 20.73 -1.46 0.74
C LEU B 246 20.90 0.02 1.02
N SER B 247 20.19 0.87 0.27
CA SER B 247 20.18 2.32 0.53
C SER B 247 19.66 2.63 1.93
N SER B 248 18.51 2.04 2.28
CA SER B 248 17.90 2.29 3.60
C SER B 248 18.77 1.76 4.75
N LEU B 249 19.36 0.57 4.56
CA LEU B 249 20.25 -0.02 5.55
C LEU B 249 21.53 0.81 5.73
N THR B 250 22.04 1.38 4.64
CA THR B 250 23.18 2.30 4.67
C THR B 250 22.88 3.51 5.57
N VAL B 251 21.71 4.13 5.39
CA VAL B 251 21.29 5.26 6.24
C VAL B 251 21.28 4.85 7.71
N GLN B 252 20.76 3.65 7.98
CA GLN B 252 20.63 3.15 9.36
C GLN B 252 21.96 2.85 10.06
N GLU B 253 23.04 2.62 9.31
CA GLU B 253 24.39 2.56 9.89
C GLU B 253 24.83 3.90 10.51
N GLY B 254 24.35 5.00 9.93
CA GLY B 254 24.51 6.34 10.54
C GLY B 254 23.61 6.52 11.74
CA CA C . -7.19 12.09 -14.32
CA CA D . -0.37 9.96 -7.86
CA CA E . -5.64 12.19 -7.94
P1 C2E F . -4.24 9.25 -8.45
O2P C2E F . -5.53 10.01 -8.37
O1P C2E F . -2.99 9.98 -8.87
O5' C2E F . -3.83 8.66 -7.01
C5' C2E F . -4.67 7.90 -6.18
C4' C2E F . -4.20 6.45 -6.20
O4' C2E F . -3.11 6.19 -5.31
C3' C2E F . -5.31 5.52 -5.75
O3' C2E F . -5.35 4.43 -6.64
C2' C2E F . -4.94 5.00 -4.39
O2' C2E F . -5.37 3.65 -4.17
C1' C2E F . -3.43 5.10 -4.44
N9 C2E F . -2.80 5.39 -3.15
C8 C2E F . -3.25 6.22 -2.20
N7 C2E F . -2.40 6.27 -1.16
C5 C2E F . -1.38 5.46 -1.44
C6 C2E F . -0.15 5.04 -0.75
O6 C2E F . 0.12 5.50 0.37
N1 C2E F . 0.65 4.17 -1.38
C2 C2E F . 0.35 3.67 -2.62
N2 C2E F . 1.20 2.80 -3.20
N3 C2E F . -0.77 4.01 -3.30
C4 C2E F . -1.64 4.88 -2.76
P11 C2E F . -6.72 4.06 -7.34
O21 C2E F . -7.88 4.43 -6.43
O11 C2E F . -6.53 2.69 -7.91
O5A C2E F . -6.68 5.11 -8.54
C5A C2E F . -5.61 5.04 -9.48
C4A C2E F . -5.73 6.18 -10.46
O4A C2E F . -6.98 6.09 -11.14
C3A C2E F . -5.76 7.55 -9.82
O3A C2E F . -4.45 7.98 -9.43
C2A C2E F . -6.44 8.36 -10.90
O2A C2E F . -5.54 8.77 -11.93
C1A C2E F . -7.45 7.39 -11.51
N91 C2E F . -8.80 7.67 -10.99
C81 C2E F . -9.37 7.23 -9.84
N71 C2E F . -10.63 7.71 -9.71
C51 C2E F . -10.88 8.48 -10.80
C61 C2E F . -12.02 9.29 -11.31
O61 C2E F . -13.08 9.40 -10.67
N11 C2E F . -11.85 9.92 -12.49
C21 C2E F . -10.71 9.84 -13.20
N21 C2E F . -10.62 10.51 -14.38
N31 C2E F . -9.64 9.12 -12.79
C41 C2E F . -9.68 8.44 -11.62
CA CA G . 2.75 -20.53 1.99
CA CA H . 4.47 -14.43 4.66
CA CA I . 1.37 -13.06 5.88
P1 C2E J . 2.47 -10.14 -1.94
O2P C2E J . 3.98 -9.99 -1.99
O1P C2E J . 1.58 -9.82 -3.12
O5' C2E J . 2.25 -11.66 -1.57
C5' C2E J . 0.95 -12.20 -1.44
C4' C2E J . 1.13 -13.63 -0.96
O4' C2E J . 1.81 -14.42 -1.95
C3' C2E J . 1.97 -13.77 0.29
O3' C2E J . 1.20 -13.41 1.41
C2' C2E J . 2.38 -15.21 0.19
O2' C2E J . 1.35 -16.05 0.68
C1' C2E J . 2.58 -15.43 -1.31
N9 C2E J . 4.02 -15.33 -1.63
C8 C2E J . 4.75 -14.22 -1.86
N7 C2E J . 6.04 -14.52 -2.10
C5 C2E J . 6.16 -15.87 -2.02
C6 C2E J . 7.24 -16.89 -2.16
O6 C2E J . 8.43 -16.59 -2.42
N1 C2E J . 6.92 -18.18 -2.01
C2 C2E J . 5.67 -18.58 -1.72
N2 C2E J . 5.43 -19.90 -1.58
N3 C2E J . 4.64 -17.72 -1.58
C4 C2E J . 4.82 -16.38 -1.70
P11 C2E J . 1.78 -13.17 2.88
O21 C2E J . 3.16 -13.73 3.07
O11 C2E J . 0.64 -13.64 3.74
O5A C2E J . 1.80 -11.59 3.21
C5A C2E J . 2.65 -10.64 2.62
C4A C2E J . 1.78 -9.86 1.64
O4A C2E J . 1.16 -8.72 2.24
C3A C2E J . 2.63 -9.32 0.50
O3A C2E J . 1.88 -9.37 -0.69
C2A C2E J . 2.87 -7.89 0.86
O2A C2E J . 3.11 -7.12 -0.33
C1A C2E J . 1.58 -7.53 1.58
N91 C2E J . 1.73 -6.45 2.58
C81 C2E J . 2.82 -6.22 3.33
N71 C2E J . 2.66 -5.14 4.14
C51 C2E J . 1.43 -4.68 3.93
C61 C2E J . 0.64 -3.57 4.48
O61 C2E J . 1.13 -2.82 5.35
N11 C2E J . -0.60 -3.41 4.02
C21 C2E J . -1.12 -4.22 3.06
N21 C2E J . -2.39 -3.98 2.65
N31 C2E J . -0.45 -5.27 2.50
C41 C2E J . 0.81 -5.53 2.90
CA CA K . 7.01 -11.74 23.25
#